data_1FJR
#
_entry.id   1FJR
#
_cell.length_a   68.937
_cell.length_b   73.000
_cell.length_c   115.110
_cell.angle_alpha   90.00
_cell.angle_beta   90.00
_cell.angle_gamma   90.00
#
_symmetry.space_group_name_H-M   'P 21 21 21'
#
loop_
_entity.id
_entity.type
_entity.pdbx_description
1 polymer 'METHUSELAH ECTODOMAIN'
2 branched 2-acetamido-2-deoxy-beta-D-glucopyranose-(1-4)-2-acetamido-2-deoxy-beta-D-glucopyranose
3 non-polymer 2-acetamido-2-deoxy-beta-D-glucopyranose
4 non-polymer 'SULFATE ION'
5 non-polymer 'LEAD (II) ION'
6 water water
#
_entity_poly.entity_id   1
_entity_poly.type   'polypeptide(L)'
_entity_poly.pdbx_seq_one_letter_code
;DILECDYFDTVDISAAQKLQNGSYLFEGLLVPAILTGEYDFRILPDDSKQKVARHIRGCVCKLKPCVRFCCPHDHIMDNG
VCYDNMSDEELAELDPFLNVTLDDGSVSRRHFKNELIVQWDLPMPCDGMFYLDNREEQDKYTLFENGTFFRHFDRVTLRK
REYCLQHLTFADGNATSIRIAPHNCLIVPSITGQT
;
_entity_poly.pdbx_strand_id   A,B
#
loop_
_chem_comp.id
_chem_comp.type
_chem_comp.name
_chem_comp.formula
NAG D-saccharide, beta linking 2-acetamido-2-deoxy-beta-D-glucopyranose 'C8 H15 N O6'
PB non-polymer 'LEAD (II) ION' 'Pb 2'
SO4 non-polymer 'SULFATE ION' 'O4 S -2'
#
# COMPACT_ATOMS: atom_id res chain seq x y z
N ASP A 1 16.94 8.49 13.13
CA ASP A 1 16.43 9.38 14.21
C ASP A 1 16.46 8.68 15.57
N ILE A 2 15.96 7.44 15.64
CA ILE A 2 15.98 6.69 16.89
C ILE A 2 17.44 6.43 17.21
N LEU A 3 17.86 6.67 18.46
CA LEU A 3 19.27 6.50 18.81
C LEU A 3 19.85 5.13 18.52
N GLU A 4 20.92 5.15 17.73
CA GLU A 4 21.66 3.97 17.31
C GLU A 4 20.85 2.86 16.64
N CYS A 5 19.83 3.24 15.88
CA CYS A 5 18.99 2.26 15.20
C CYS A 5 18.95 2.49 13.70
N ASP A 6 19.41 1.52 12.93
CA ASP A 6 19.36 1.65 11.49
C ASP A 6 17.88 1.70 11.09
N TYR A 7 17.55 2.47 10.08
CA TYR A 7 16.17 2.59 9.63
C TYR A 7 15.51 1.24 9.31
N PHE A 8 16.29 0.34 8.72
CA PHE A 8 15.78 -0.97 8.35
C PHE A 8 15.59 -1.94 9.52
N ASP A 9 15.75 -1.43 10.75
CA ASP A 9 15.52 -2.22 11.94
C ASP A 9 14.28 -1.61 12.61
N THR A 10 13.56 -0.77 11.87
CA THR A 10 12.37 -0.15 12.44
C THR A 10 11.08 -0.62 11.79
N VAL A 11 9.99 -0.35 12.49
CA VAL A 11 8.66 -0.71 12.10
C VAL A 11 7.79 0.50 12.45
N ASP A 12 6.66 0.64 11.76
CA ASP A 12 5.72 1.74 12.02
C ASP A 12 4.93 1.35 13.27
N ILE A 13 4.97 2.16 14.33
CA ILE A 13 4.23 1.80 15.53
C ILE A 13 3.09 2.77 15.86
N SER A 14 2.74 3.61 14.90
CA SER A 14 1.68 4.58 15.09
C SER A 14 0.38 3.96 15.59
N ALA A 15 0.18 2.66 15.35
CA ALA A 15 -1.04 2.00 15.80
C ALA A 15 -0.89 1.34 17.16
N ALA A 16 0.28 1.50 17.77
CA ALA A 16 0.52 0.88 19.07
C ALA A 16 -0.06 1.71 20.21
N GLN A 17 -0.32 1.04 21.34
CA GLN A 17 -0.87 1.71 22.50
C GLN A 17 0.24 2.45 23.24
N LYS A 18 0.12 3.77 23.33
CA LYS A 18 1.12 4.56 24.03
C LYS A 18 0.81 4.57 25.52
N LEU A 19 1.69 3.96 26.31
CA LEU A 19 1.48 3.87 27.74
C LEU A 19 1.82 5.13 28.53
N GLN A 20 1.51 5.06 29.82
CA GLN A 20 1.71 6.14 30.78
C GLN A 20 3.18 6.55 30.92
N ASN A 21 4.03 5.58 31.28
CA ASN A 21 5.45 5.84 31.46
C ASN A 21 6.15 6.25 30.15
N GLY A 22 5.39 6.41 29.08
CA GLY A 22 5.96 6.81 27.81
C GLY A 22 6.37 5.71 26.85
N SER A 23 6.41 4.47 27.33
CA SER A 23 6.78 3.35 26.45
C SER A 23 5.55 2.90 25.66
N TYR A 24 5.74 1.99 24.71
CA TYR A 24 4.61 1.52 23.89
C TYR A 24 4.36 0.03 23.93
N LEU A 25 3.14 -0.35 23.60
CA LEU A 25 2.75 -1.75 23.57
C LEU A 25 2.42 -2.04 22.11
N PHE A 26 3.40 -2.63 21.41
CA PHE A 26 3.24 -2.96 20.00
C PHE A 26 2.94 -4.44 19.82
N GLU A 27 1.73 -4.74 19.40
CA GLU A 27 1.32 -6.12 19.20
C GLU A 27 1.85 -7.05 20.28
N GLY A 28 1.55 -6.71 21.54
CA GLY A 28 1.97 -7.52 22.66
C GLY A 28 3.40 -7.32 23.12
N LEU A 29 4.15 -6.47 22.43
CA LEU A 29 5.53 -6.23 22.79
C LEU A 29 5.70 -4.87 23.47
N LEU A 30 6.44 -4.84 24.57
CA LEU A 30 6.68 -3.59 25.29
C LEU A 30 7.85 -2.89 24.61
N VAL A 31 7.61 -1.71 24.05
CA VAL A 31 8.67 -0.96 23.38
C VAL A 31 9.02 0.29 24.18
N PRO A 32 10.21 0.32 24.78
CA PRO A 32 10.65 1.48 25.57
C PRO A 32 10.70 2.74 24.73
N ALA A 33 10.39 3.87 25.35
CA ALA A 33 10.40 5.17 24.68
C ALA A 33 11.71 5.46 23.96
N ILE A 34 12.83 5.12 24.59
CA ILE A 34 14.14 5.37 23.98
C ILE A 34 14.27 4.66 22.61
N LEU A 35 13.56 3.56 22.43
CA LEU A 35 13.63 2.84 21.16
C LEU A 35 12.57 3.34 20.18
N THR A 36 11.95 4.46 20.50
CA THR A 36 10.92 5.04 19.65
C THR A 36 11.30 6.45 19.22
N GLY A 37 10.71 6.92 18.12
CA GLY A 37 11.00 8.25 17.61
C GLY A 37 10.14 8.63 16.43
N GLU A 38 9.97 9.93 16.22
CA GLU A 38 9.16 10.42 15.10
C GLU A 38 9.98 10.49 13.82
N TYR A 39 9.37 10.10 12.72
CA TYR A 39 10.05 10.14 11.43
C TYR A 39 9.19 10.89 10.41
N ASP A 40 9.85 11.72 9.62
CA ASP A 40 9.17 12.50 8.59
C ASP A 40 9.85 12.15 7.27
N PHE A 41 10.38 10.93 7.22
CA PHE A 41 11.06 10.46 6.03
C PHE A 41 11.14 8.94 6.04
N ARG A 42 11.31 8.37 4.85
CA ARG A 42 11.44 6.93 4.70
C ARG A 42 12.50 6.70 3.64
N ILE A 43 13.51 5.91 3.95
CA ILE A 43 14.55 5.64 2.98
C ILE A 43 13.97 4.92 1.77
N LEU A 44 14.57 5.16 0.61
CA LEU A 44 14.11 4.56 -0.62
C LEU A 44 15.19 3.61 -1.15
N PRO A 45 14.89 2.87 -2.24
CA PRO A 45 15.85 1.93 -2.82
C PRO A 45 17.26 2.48 -3.01
N ASP A 46 17.36 3.75 -3.40
CA ASP A 46 18.65 4.41 -3.65
C ASP A 46 19.32 4.99 -2.39
N ASP A 47 18.74 4.70 -1.23
CA ASP A 47 19.28 5.16 0.05
C ASP A 47 19.13 6.65 0.28
N SER A 48 18.20 7.27 -0.43
CA SER A 48 17.94 8.70 -0.27
C SER A 48 16.73 8.82 0.65
N LYS A 49 16.36 10.05 1.00
CA LYS A 49 15.21 10.25 1.87
C LYS A 49 14.03 10.88 1.16
N GLN A 50 12.83 10.45 1.54
CA GLN A 50 11.59 10.95 0.99
C GLN A 50 10.72 11.36 2.16
N LYS A 51 9.72 12.20 1.91
CA LYS A 51 8.87 12.67 2.97
C LYS A 51 7.64 11.80 3.15
N VAL A 52 7.14 11.78 4.38
CA VAL A 52 5.95 11.01 4.75
C VAL A 52 5.32 11.73 5.92
N ALA A 53 4.06 11.42 6.21
CA ALA A 53 3.38 12.05 7.32
C ALA A 53 4.13 11.79 8.63
N ARG A 54 4.32 12.84 9.43
CA ARG A 54 5.01 12.71 10.71
C ARG A 54 4.49 11.46 11.44
N HIS A 55 5.20 10.34 11.39
CA HIS A 55 4.71 9.17 12.10
C HIS A 55 5.74 8.60 13.07
N ILE A 56 5.25 7.86 14.05
CA ILE A 56 6.11 7.27 15.07
C ILE A 56 6.55 5.83 14.71
N ARG A 57 7.87 5.62 14.67
CA ARG A 57 8.46 4.31 14.37
C ARG A 57 9.18 3.75 15.61
N GLY A 58 9.32 2.43 15.65
CA GLY A 58 9.98 1.78 16.78
C GLY A 58 11.04 0.80 16.32
N CYS A 59 12.12 0.72 17.08
CA CYS A 59 13.25 -0.15 16.76
C CYS A 59 13.00 -1.51 17.39
N VAL A 60 11.92 -2.16 16.97
CA VAL A 60 11.54 -3.44 17.54
C VAL A 60 12.51 -4.60 17.28
N CYS A 61 13.28 -4.54 16.20
CA CYS A 61 14.21 -5.62 15.88
C CYS A 61 15.32 -5.80 16.94
N LYS A 62 15.48 -4.83 17.82
CA LYS A 62 16.47 -4.99 18.88
C LYS A 62 15.83 -5.68 20.09
N LEU A 63 14.50 -5.77 20.07
CA LEU A 63 13.76 -6.41 21.17
C LEU A 63 13.34 -7.85 20.85
N LYS A 64 12.90 -8.09 19.61
CA LYS A 64 12.48 -9.41 19.14
C LYS A 64 13.01 -9.56 17.73
N PRO A 65 13.35 -10.78 17.31
CA PRO A 65 13.87 -10.90 15.95
C PRO A 65 12.84 -10.48 14.88
N CYS A 66 13.36 -9.90 13.81
CA CYS A 66 12.54 -9.46 12.69
C CYS A 66 12.84 -10.31 11.48
N VAL A 67 11.88 -10.35 10.53
CA VAL A 67 12.07 -11.05 9.26
C VAL A 67 11.88 -9.94 8.23
N ARG A 68 12.82 -9.80 7.30
CA ARG A 68 12.74 -8.76 6.28
C ARG A 68 11.87 -9.21 5.13
N PHE A 69 10.60 -8.79 5.15
CA PHE A 69 9.69 -9.18 4.07
C PHE A 69 9.63 -8.13 2.97
N CYS A 70 9.14 -8.54 1.79
CA CYS A 70 9.04 -7.66 0.63
C CYS A 70 7.68 -6.95 0.60
N CYS A 71 6.70 -7.60 1.22
CA CYS A 71 5.32 -7.12 1.25
C CYS A 71 4.61 -7.52 2.55
N PRO A 72 3.33 -7.13 2.69
CA PRO A 72 2.58 -7.50 3.90
C PRO A 72 2.65 -9.01 4.11
N HIS A 73 2.51 -9.43 5.36
CA HIS A 73 2.64 -10.85 5.70
C HIS A 73 1.78 -11.85 4.92
N ASP A 74 0.63 -11.40 4.41
CA ASP A 74 -0.28 -12.31 3.69
C ASP A 74 -0.27 -12.17 2.17
N HIS A 75 0.69 -11.43 1.63
CA HIS A 75 0.79 -11.24 0.18
C HIS A 75 1.70 -12.30 -0.36
N ILE A 76 1.63 -12.49 -1.68
CA ILE A 76 2.51 -13.43 -2.34
C ILE A 76 3.30 -12.60 -3.33
N MET A 77 4.53 -13.00 -3.60
CA MET A 77 5.33 -12.28 -4.57
C MET A 77 5.10 -13.02 -5.88
N ASP A 78 4.67 -12.30 -6.91
CA ASP A 78 4.43 -12.92 -8.19
C ASP A 78 5.30 -12.19 -9.18
N ASN A 79 6.37 -12.87 -9.58
CA ASN A 79 7.32 -12.29 -10.54
C ASN A 79 7.68 -10.87 -10.15
N GLY A 80 8.18 -10.72 -8.91
CA GLY A 80 8.59 -9.40 -8.45
C GLY A 80 7.54 -8.39 -8.01
N VAL A 81 6.26 -8.75 -8.04
CA VAL A 81 5.21 -7.80 -7.62
C VAL A 81 4.39 -8.31 -6.43
N CYS A 82 4.20 -7.44 -5.45
CA CYS A 82 3.42 -7.82 -4.28
C CYS A 82 1.98 -7.99 -4.75
N TYR A 83 1.42 -9.16 -4.46
CA TYR A 83 0.08 -9.48 -4.92
C TYR A 83 -0.78 -10.08 -3.80
N ASP A 84 -1.81 -9.34 -3.38
CA ASP A 84 -2.71 -9.79 -2.32
C ASP A 84 -3.80 -10.65 -2.91
N ASN A 85 -3.49 -11.91 -3.21
CA ASN A 85 -4.50 -12.79 -3.77
C ASN A 85 -4.45 -14.22 -3.23
N MET A 86 -3.91 -14.39 -2.03
CA MET A 86 -3.86 -15.76 -1.53
C MET A 86 -5.22 -16.24 -1.05
N SER A 87 -5.68 -17.33 -1.66
CA SER A 87 -6.96 -17.92 -1.32
C SER A 87 -6.81 -18.55 0.05
N ASP A 88 -7.94 -18.79 0.72
CA ASP A 88 -7.92 -19.38 2.05
C ASP A 88 -7.19 -20.72 2.01
N GLU A 89 -7.28 -21.39 0.87
CA GLU A 89 -6.62 -22.69 0.70
C GLU A 89 -5.10 -22.51 0.74
N GLU A 90 -4.59 -21.58 -0.07
CA GLU A 90 -3.17 -21.32 -0.10
C GLU A 90 -2.67 -20.88 1.27
N LEU A 91 -3.47 -20.09 1.98
CA LEU A 91 -3.09 -19.63 3.29
C LEU A 91 -2.93 -20.79 4.25
N ALA A 92 -3.69 -21.85 4.02
CA ALA A 92 -3.66 -23.02 4.87
C ALA A 92 -2.55 -24.00 4.52
N GLU A 93 -2.27 -24.16 3.23
CA GLU A 93 -1.25 -25.11 2.75
C GLU A 93 0.16 -24.56 2.67
N LEU A 94 0.30 -23.24 2.78
CA LEU A 94 1.63 -22.67 2.66
C LEU A 94 2.52 -23.00 3.86
N ASP A 95 3.82 -23.09 3.60
CA ASP A 95 4.81 -23.38 4.63
C ASP A 95 5.20 -22.06 5.30
N PRO A 96 4.75 -21.83 6.54
CA PRO A 96 5.04 -20.59 7.29
C PRO A 96 6.38 -20.57 8.02
N PHE A 97 7.18 -21.62 7.85
CA PHE A 97 8.43 -21.69 8.58
C PHE A 97 9.70 -21.27 7.85
N LEU A 98 10.55 -20.55 8.58
CA LEU A 98 11.83 -20.10 8.07
C LEU A 98 12.92 -20.75 8.89
N ASN A 99 14.02 -21.09 8.22
CA ASN A 99 15.15 -21.68 8.90
C ASN A 99 16.10 -20.54 9.20
N VAL A 100 16.21 -20.16 10.48
CA VAL A 100 17.10 -19.07 10.86
C VAL A 100 18.30 -19.58 11.64
N THR A 101 19.47 -19.14 11.21
CA THR A 101 20.70 -19.52 11.84
C THR A 101 20.95 -18.55 12.98
N LEU A 102 21.17 -19.10 14.17
CA LEU A 102 21.37 -18.27 15.36
C LEU A 102 22.83 -17.90 15.57
N ASP A 103 23.09 -17.04 16.54
CA ASP A 103 24.46 -16.63 16.83
C ASP A 103 25.39 -17.76 17.29
N ASP A 104 24.86 -18.84 17.87
CA ASP A 104 25.73 -19.93 18.28
C ASP A 104 26.04 -20.84 17.09
N GLY A 105 25.54 -20.44 15.91
CA GLY A 105 25.77 -21.22 14.70
C GLY A 105 24.76 -22.31 14.41
N SER A 106 23.82 -22.53 15.33
CA SER A 106 22.81 -23.56 15.15
C SER A 106 21.63 -23.04 14.32
N VAL A 107 20.78 -23.96 13.89
CA VAL A 107 19.62 -23.63 13.06
C VAL A 107 18.34 -23.84 13.84
N SER A 108 17.42 -22.90 13.71
CA SER A 108 16.14 -22.99 14.39
C SER A 108 15.00 -22.73 13.40
N ARG A 109 13.96 -23.55 13.48
CA ARG A 109 12.78 -23.39 12.62
C ARG A 109 11.87 -22.37 13.32
N ARG A 110 11.54 -21.27 12.63
CA ARG A 110 10.72 -20.19 13.21
C ARG A 110 9.53 -19.85 12.34
N HIS A 111 8.37 -19.71 12.99
CA HIS A 111 7.15 -19.34 12.29
C HIS A 111 7.33 -17.86 11.89
N PHE A 112 7.27 -17.59 10.58
CA PHE A 112 7.48 -16.23 10.03
C PHE A 112 6.70 -15.10 10.67
N LYS A 113 5.46 -15.37 11.07
CA LYS A 113 4.59 -14.37 11.65
C LYS A 113 4.49 -14.39 13.17
N ASN A 114 4.42 -15.58 13.77
CA ASN A 114 4.28 -15.70 15.22
C ASN A 114 5.56 -15.63 16.05
N GLU A 115 6.68 -16.06 15.47
CA GLU A 115 7.93 -16.04 16.21
C GLU A 115 8.89 -14.93 15.80
N LEU A 116 8.49 -14.19 14.77
CA LEU A 116 9.31 -13.10 14.26
C LEU A 116 8.43 -11.90 13.96
N ILE A 117 9.01 -10.70 13.94
CA ILE A 117 8.26 -9.50 13.63
C ILE A 117 8.46 -9.27 12.13
N VAL A 118 7.37 -9.31 11.37
CA VAL A 118 7.47 -9.12 9.94
C VAL A 118 7.59 -7.66 9.57
N GLN A 119 8.66 -7.32 8.85
CA GLN A 119 8.83 -5.94 8.43
C GLN A 119 8.40 -5.93 6.98
N TRP A 120 7.37 -5.16 6.69
CA TRP A 120 6.84 -5.12 5.33
C TRP A 120 6.75 -3.74 4.71
N ASP A 121 6.96 -2.69 5.50
CA ASP A 121 6.85 -1.36 4.92
C ASP A 121 8.16 -0.78 4.39
N LEU A 122 9.21 -1.59 4.41
CA LEU A 122 10.49 -1.10 3.91
C LEU A 122 10.45 -1.03 2.39
N PRO A 123 11.25 -0.14 1.77
CA PRO A 123 11.27 -0.03 0.31
C PRO A 123 11.77 -1.30 -0.36
N MET A 124 11.20 -1.62 -1.53
CA MET A 124 11.60 -2.79 -2.29
C MET A 124 13.08 -2.59 -2.60
N PRO A 125 13.90 -3.64 -2.44
CA PRO A 125 15.33 -3.47 -2.74
C PRO A 125 15.67 -3.00 -4.17
N CYS A 126 14.83 -3.34 -5.14
CA CYS A 126 15.03 -2.90 -6.53
C CYS A 126 13.91 -3.47 -7.39
N ASP A 127 13.88 -3.01 -8.63
CA ASP A 127 12.89 -3.44 -9.60
C ASP A 127 13.39 -4.73 -10.25
N GLY A 128 12.49 -5.68 -10.50
CA GLY A 128 12.87 -6.93 -11.14
C GLY A 128 13.87 -7.79 -10.38
N MET A 129 13.51 -8.18 -9.16
CA MET A 129 14.39 -9.02 -8.35
C MET A 129 14.25 -10.47 -8.80
N PHE A 130 15.27 -11.28 -8.54
CA PHE A 130 15.17 -12.69 -8.87
C PHE A 130 15.04 -13.40 -7.52
N TYR A 131 14.49 -14.61 -7.51
CA TYR A 131 14.34 -15.34 -6.27
C TYR A 131 15.20 -16.59 -6.24
N LEU A 132 15.54 -17.03 -5.02
CA LEU A 132 16.35 -18.22 -4.83
C LEU A 132 15.45 -19.39 -4.46
N ASP A 133 15.72 -20.53 -5.06
CA ASP A 133 14.99 -21.77 -4.75
C ASP A 133 16.09 -22.63 -4.15
N ASN A 134 16.19 -22.65 -2.83
CA ASN A 134 17.26 -23.41 -2.18
C ASN A 134 17.21 -24.93 -2.35
N ARG A 135 16.31 -25.41 -3.20
CA ARG A 135 16.26 -26.83 -3.50
C ARG A 135 17.34 -27.10 -4.56
N GLU A 136 17.75 -26.05 -5.27
CA GLU A 136 18.79 -26.13 -6.29
C GLU A 136 20.12 -25.85 -5.60
N GLU A 137 21.16 -26.61 -5.95
CA GLU A 137 22.46 -26.44 -5.32
C GLU A 137 23.11 -25.06 -5.40
N GLN A 138 22.82 -24.29 -6.45
CA GLN A 138 23.43 -22.96 -6.61
C GLN A 138 22.67 -21.87 -5.86
N ASP A 139 21.46 -22.18 -5.43
CA ASP A 139 20.59 -21.25 -4.73
C ASP A 139 20.63 -21.28 -3.20
N LYS A 140 21.54 -22.03 -2.62
CA LYS A 140 21.60 -22.14 -1.16
C LYS A 140 21.94 -20.80 -0.51
N TYR A 141 21.37 -20.60 0.68
CA TYR A 141 21.61 -19.37 1.42
C TYR A 141 21.46 -19.61 2.93
N THR A 142 21.96 -18.66 3.71
CA THR A 142 21.86 -18.71 5.16
C THR A 142 21.20 -17.41 5.60
N LEU A 143 20.21 -17.50 6.48
CA LEU A 143 19.51 -16.33 6.98
C LEU A 143 19.74 -16.28 8.49
N PHE A 144 20.50 -15.28 8.93
CA PHE A 144 20.78 -15.17 10.35
C PHE A 144 19.67 -14.44 11.07
N GLU A 145 19.48 -14.81 12.33
CA GLU A 145 18.44 -14.21 13.15
C GLU A 145 18.61 -12.70 13.26
N ASN A 146 19.84 -12.21 13.17
CA ASN A 146 20.07 -10.77 13.29
C ASN A 146 19.79 -9.98 12.01
N GLY A 147 19.28 -10.63 10.98
CA GLY A 147 18.98 -9.90 9.77
C GLY A 147 19.95 -10.06 8.61
N THR A 148 21.16 -10.52 8.90
CA THR A 148 22.16 -10.72 7.85
C THR A 148 21.77 -11.90 6.95
N PHE A 149 21.98 -11.72 5.65
CA PHE A 149 21.67 -12.73 4.63
C PHE A 149 22.96 -13.10 3.92
N PHE A 150 23.22 -14.40 3.77
CA PHE A 150 24.45 -14.85 3.11
C PHE A 150 24.12 -15.75 1.92
N ARG A 151 24.54 -15.33 0.72
CA ARG A 151 24.29 -16.10 -0.50
C ARG A 151 25.49 -16.98 -0.76
N HIS A 152 25.29 -18.30 -0.70
CA HIS A 152 26.41 -19.23 -0.87
C HIS A 152 27.13 -19.25 -2.21
N PHE A 153 26.39 -19.25 -3.31
CA PHE A 153 27.01 -19.31 -4.63
C PHE A 153 28.26 -18.44 -4.77
N ASP A 154 28.14 -17.16 -4.49
CA ASP A 154 29.25 -16.23 -4.60
C ASP A 154 29.67 -15.71 -3.23
N ARG A 155 29.21 -16.38 -2.19
CA ARG A 155 29.54 -16.01 -0.82
C ARG A 155 29.45 -14.50 -0.53
N VAL A 156 28.35 -13.87 -0.93
CA VAL A 156 28.20 -12.45 -0.65
C VAL A 156 27.18 -12.25 0.48
N THR A 157 27.43 -11.27 1.32
CA THR A 157 26.58 -10.93 2.44
C THR A 157 25.70 -9.76 2.05
N LEU A 158 24.39 -9.91 2.23
CA LEU A 158 23.46 -8.84 1.90
C LEU A 158 22.79 -8.35 3.19
N ARG A 159 22.62 -7.04 3.29
CA ARG A 159 21.96 -6.46 4.45
C ARG A 159 20.50 -6.24 4.07
N LYS A 160 19.70 -5.83 5.05
CA LYS A 160 18.27 -5.66 4.84
C LYS A 160 17.83 -4.70 3.72
N ARG A 161 18.75 -3.86 3.28
CA ARG A 161 18.45 -2.94 2.19
C ARG A 161 18.53 -3.67 0.86
N GLU A 162 19.16 -4.83 0.84
CA GLU A 162 19.40 -5.56 -0.41
C GLU A 162 18.69 -6.89 -0.64
N TYR A 163 17.80 -7.28 0.25
CA TYR A 163 17.07 -8.52 0.04
C TYR A 163 15.77 -8.44 0.76
N CYS A 164 14.86 -9.35 0.45
CA CYS A 164 13.59 -9.41 1.15
C CYS A 164 13.01 -10.79 0.87
N LEU A 165 12.25 -11.28 1.84
CA LEU A 165 11.66 -12.61 1.75
C LEU A 165 10.16 -12.50 1.48
N GLN A 166 9.60 -13.48 0.79
CA GLN A 166 8.17 -13.45 0.56
C GLN A 166 7.62 -14.80 0.14
N HIS A 167 6.39 -15.07 0.53
CA HIS A 167 5.74 -16.30 0.13
C HIS A 167 5.82 -16.31 -1.39
N LEU A 168 5.98 -17.50 -1.96
CA LEU A 168 6.07 -17.62 -3.41
C LEU A 168 5.62 -19.01 -3.84
N THR A 169 4.99 -19.07 -5.01
CA THR A 169 4.50 -20.34 -5.52
C THR A 169 5.58 -21.05 -6.31
N PHE A 170 5.90 -22.28 -5.88
CA PHE A 170 6.88 -23.11 -6.55
C PHE A 170 6.15 -24.27 -7.22
N ALA A 171 6.76 -24.82 -8.26
CA ALA A 171 6.16 -25.96 -8.94
C ALA A 171 6.69 -27.23 -8.26
N ASP A 172 5.80 -28.17 -8.00
CA ASP A 172 6.19 -29.44 -7.37
C ASP A 172 6.11 -30.52 -8.43
N GLY A 173 6.99 -30.45 -9.42
CA GLY A 173 6.97 -31.41 -10.50
C GLY A 173 5.78 -31.07 -11.36
N ASN A 174 4.62 -31.63 -11.01
CA ASN A 174 3.38 -31.40 -11.74
C ASN A 174 2.27 -30.93 -10.79
N ALA A 175 2.70 -30.35 -9.68
CA ALA A 175 1.78 -29.82 -8.66
C ALA A 175 2.30 -28.42 -8.31
N THR A 176 1.90 -27.91 -7.14
CA THR A 176 2.34 -26.59 -6.73
C THR A 176 2.30 -26.43 -5.20
N SER A 177 3.26 -25.67 -4.65
CA SER A 177 3.32 -25.45 -3.21
C SER A 177 3.87 -24.05 -2.92
N ILE A 178 3.51 -23.50 -1.76
CA ILE A 178 3.99 -22.18 -1.41
C ILE A 178 4.95 -22.24 -0.23
N ARG A 179 6.08 -21.58 -0.40
CA ARG A 179 7.13 -21.53 0.61
C ARG A 179 7.73 -20.12 0.57
N ILE A 180 8.41 -19.72 1.65
CA ILE A 180 9.01 -18.39 1.69
C ILE A 180 10.38 -18.41 1.00
N ALA A 181 10.59 -17.51 0.06
CA ALA A 181 11.86 -17.47 -0.67
C ALA A 181 12.51 -16.09 -0.67
N PRO A 182 13.85 -16.06 -0.63
CA PRO A 182 14.50 -14.74 -0.65
C PRO A 182 14.58 -14.20 -2.07
N HIS A 183 14.55 -12.88 -2.17
CA HIS A 183 14.62 -12.18 -3.43
C HIS A 183 15.84 -11.27 -3.33
N ASN A 184 16.67 -11.29 -4.37
CA ASN A 184 17.88 -10.47 -4.43
C ASN A 184 17.86 -9.63 -5.71
N CYS A 185 18.74 -8.63 -5.77
CA CYS A 185 18.88 -7.77 -6.93
C CYS A 185 20.05 -8.28 -7.73
N LEU A 186 19.79 -8.55 -9.00
CA LEU A 186 20.79 -9.07 -9.92
C LEU A 186 22.00 -8.16 -10.12
N ILE A 187 21.78 -6.87 -10.32
CA ILE A 187 22.92 -5.96 -10.51
C ILE A 187 23.09 -4.86 -9.47
N VAL A 188 21.99 -4.40 -8.87
CA VAL A 188 22.10 -3.33 -7.87
C VAL A 188 23.36 -3.45 -7.01
N ASP B 1 -10.62 18.85 -22.84
CA ASP B 1 -10.26 20.26 -23.15
C ASP B 1 -8.81 20.58 -22.76
N ILE B 2 -8.41 20.23 -21.54
CA ILE B 2 -7.05 20.46 -21.09
C ILE B 2 -6.13 19.60 -21.95
N LEU B 3 -5.00 20.17 -22.37
CA LEU B 3 -4.06 19.46 -23.24
C LEU B 3 -3.64 18.07 -22.75
N GLU B 4 -3.93 17.05 -23.56
CA GLU B 4 -3.59 15.66 -23.25
C GLU B 4 -3.94 15.17 -21.85
N CYS B 5 -5.11 15.57 -21.35
CA CYS B 5 -5.54 15.15 -20.03
C CYS B 5 -6.90 14.50 -20.10
N ASP B 6 -6.99 13.26 -19.65
CA ASP B 6 -8.28 12.57 -19.63
C ASP B 6 -9.13 13.29 -18.57
N TYR B 7 -10.42 13.39 -18.83
CA TYR B 7 -11.33 14.06 -17.92
C TYR B 7 -11.26 13.52 -16.49
N PHE B 8 -11.11 12.21 -16.36
CA PHE B 8 -11.04 11.57 -15.05
C PHE B 8 -9.72 11.75 -14.33
N ASP B 9 -8.87 12.62 -14.86
CA ASP B 9 -7.61 12.95 -14.24
C ASP B 9 -7.72 14.40 -13.80
N THR B 10 -8.94 14.94 -13.87
CA THR B 10 -9.15 16.32 -13.48
C THR B 10 -9.92 16.49 -12.18
N VAL B 11 -9.81 17.71 -11.66
CA VAL B 11 -10.43 18.10 -10.42
C VAL B 11 -10.97 19.52 -10.67
N ASP B 12 -11.99 19.93 -9.92
CA ASP B 12 -12.58 21.27 -10.04
C ASP B 12 -11.64 22.21 -9.28
N ILE B 13 -11.09 23.23 -9.94
CA ILE B 13 -10.18 24.13 -9.23
C ILE B 13 -10.71 25.55 -9.12
N SER B 14 -12.01 25.72 -9.38
CA SER B 14 -12.61 27.04 -9.34
C SER B 14 -12.39 27.77 -8.02
N ALA B 15 -12.11 27.02 -6.97
CA ALA B 15 -11.88 27.65 -5.66
C ALA B 15 -10.39 27.90 -5.38
N ALA B 16 -9.55 27.61 -6.37
CA ALA B 16 -8.11 27.79 -6.19
C ALA B 16 -7.71 29.25 -6.41
N GLN B 17 -6.57 29.64 -5.84
CA GLN B 17 -6.08 31.00 -5.99
C GLN B 17 -5.39 31.13 -7.34
N LYS B 18 -5.90 32.02 -8.19
CA LYS B 18 -5.30 32.22 -9.50
C LYS B 18 -4.17 33.23 -9.38
N LEU B 19 -2.94 32.77 -9.63
CA LEU B 19 -1.77 33.62 -9.51
C LEU B 19 -1.51 34.57 -10.69
N GLN B 20 -0.52 35.43 -10.49
CA GLN B 20 -0.10 36.43 -11.45
C GLN B 20 0.36 35.84 -12.79
N ASN B 21 1.36 34.97 -12.74
CA ASN B 21 1.89 34.33 -13.94
C ASN B 21 0.88 33.42 -14.63
N GLY B 22 -0.36 33.41 -14.14
CA GLY B 22 -1.39 32.59 -14.75
C GLY B 22 -1.59 31.19 -14.20
N SER B 23 -0.65 30.72 -13.38
CA SER B 23 -0.78 29.38 -12.80
C SER B 23 -1.69 29.45 -11.58
N TYR B 24 -2.04 28.30 -11.01
CA TYR B 24 -2.92 28.27 -9.84
C TYR B 24 -2.34 27.59 -8.61
N LEU B 25 -2.89 27.95 -7.45
CA LEU B 25 -2.47 27.36 -6.19
C LEU B 25 -3.69 26.62 -5.68
N PHE B 26 -3.69 25.30 -5.88
CA PHE B 26 -4.79 24.42 -5.48
C PHE B 26 -4.42 23.66 -4.22
N GLU B 27 -5.04 24.02 -3.11
CA GLU B 27 -4.77 23.36 -1.85
C GLU B 27 -3.28 23.10 -1.64
N GLY B 28 -2.48 24.16 -1.74
CA GLY B 28 -1.05 24.05 -1.54
C GLY B 28 -0.25 23.54 -2.73
N LEU B 29 -0.93 23.18 -3.81
CA LEU B 29 -0.26 22.66 -4.99
C LEU B 29 -0.21 23.72 -6.11
N LEU B 30 0.96 23.89 -6.70
CA LEU B 30 1.12 24.85 -7.80
C LEU B 30 0.67 24.15 -9.07
N VAL B 31 -0.36 24.69 -9.72
CA VAL B 31 -0.87 24.08 -10.94
C VAL B 31 -0.63 25.01 -12.11
N PRO B 32 0.28 24.63 -13.03
CA PRO B 32 0.59 25.46 -14.19
C PRO B 32 -0.64 25.69 -15.06
N ALA B 33 -0.69 26.86 -15.68
CA ALA B 33 -1.79 27.23 -16.56
C ALA B 33 -2.08 26.18 -17.64
N ILE B 34 -1.02 25.64 -18.23
CA ILE B 34 -1.18 24.64 -19.30
C ILE B 34 -1.97 23.42 -18.80
N LEU B 35 -1.90 23.13 -17.51
CA LEU B 35 -2.65 21.99 -16.97
C LEU B 35 -4.05 22.41 -16.54
N THR B 36 -4.43 23.60 -16.97
CA THR B 36 -5.71 24.21 -16.63
C THR B 36 -6.62 24.38 -17.84
N GLY B 37 -7.92 24.55 -17.59
CA GLY B 37 -8.83 24.74 -18.70
C GLY B 37 -10.29 24.91 -18.28
N GLU B 38 -11.07 25.61 -19.09
CA GLU B 38 -12.48 25.82 -18.77
C GLU B 38 -13.30 24.67 -19.34
N TYR B 39 -14.27 24.20 -18.56
CA TYR B 39 -15.13 23.11 -18.98
C TYR B 39 -16.59 23.49 -18.84
N ASP B 40 -17.38 23.16 -19.86
CA ASP B 40 -18.81 23.44 -19.85
C ASP B 40 -19.50 22.10 -20.02
N PHE B 41 -18.84 21.06 -19.52
CA PHE B 41 -19.40 19.72 -19.61
C PHE B 41 -18.64 18.77 -18.68
N ARG B 42 -19.19 17.58 -18.48
CA ARG B 42 -18.55 16.54 -17.69
C ARG B 42 -18.72 15.31 -18.56
N ILE B 43 -17.75 14.40 -18.51
CA ILE B 43 -17.86 13.19 -19.31
C ILE B 43 -18.42 12.07 -18.45
N LEU B 44 -19.51 11.46 -18.91
CA LEU B 44 -20.12 10.37 -18.17
C LEU B 44 -19.29 9.11 -18.37
N PRO B 45 -19.48 8.10 -17.50
CA PRO B 45 -18.72 6.85 -17.60
C PRO B 45 -18.74 6.17 -18.98
N ASP B 46 -19.79 6.40 -19.77
CA ASP B 46 -19.89 5.80 -21.09
C ASP B 46 -19.27 6.69 -22.18
N ASP B 47 -18.48 7.68 -21.76
CA ASP B 47 -17.80 8.62 -22.65
C ASP B 47 -18.69 9.73 -23.22
N SER B 48 -19.98 9.64 -22.95
CA SER B 48 -20.94 10.65 -23.37
C SER B 48 -20.59 12.00 -22.72
N LYS B 49 -20.98 13.11 -23.35
CA LYS B 49 -20.74 14.44 -22.79
C LYS B 49 -22.04 15.03 -22.26
N GLN B 50 -21.98 15.58 -21.07
CA GLN B 50 -23.16 16.18 -20.46
C GLN B 50 -22.81 17.63 -20.19
N LYS B 51 -23.62 18.54 -20.74
CA LYS B 51 -23.38 19.96 -20.58
C LYS B 51 -23.55 20.36 -19.13
N VAL B 52 -22.69 21.25 -18.67
CA VAL B 52 -22.79 21.72 -17.31
C VAL B 52 -22.31 23.15 -17.32
N ALA B 53 -22.73 23.94 -16.33
CA ALA B 53 -22.30 25.34 -16.25
C ALA B 53 -20.76 25.41 -16.27
N ARG B 54 -20.22 26.39 -17.01
CA ARG B 54 -18.77 26.57 -17.13
C ARG B 54 -17.99 26.78 -15.83
N HIS B 55 -16.86 26.09 -15.72
CA HIS B 55 -16.00 26.21 -14.55
C HIS B 55 -14.59 25.77 -14.92
N ILE B 56 -13.62 26.19 -14.12
CA ILE B 56 -12.23 25.86 -14.38
C ILE B 56 -11.79 24.57 -13.67
N ARG B 57 -11.26 23.62 -14.45
CA ARG B 57 -10.75 22.35 -13.92
C ARG B 57 -9.24 22.25 -14.13
N GLY B 58 -8.58 21.45 -13.30
CA GLY B 58 -7.15 21.28 -13.39
C GLY B 58 -6.73 19.82 -13.41
N CYS B 59 -5.72 19.50 -14.20
CA CYS B 59 -5.21 18.13 -14.35
C CYS B 59 -4.20 17.83 -13.25
N VAL B 60 -4.64 17.90 -12.00
CA VAL B 60 -3.74 17.71 -10.88
C VAL B 60 -3.13 16.32 -10.75
N CYS B 61 -3.82 15.30 -11.26
CA CYS B 61 -3.30 13.92 -11.13
C CYS B 61 -1.94 13.74 -11.83
N LYS B 62 -1.56 14.66 -12.70
CA LYS B 62 -0.28 14.54 -13.37
C LYS B 62 0.81 15.19 -12.51
N LEU B 63 0.38 15.95 -11.50
CA LEU B 63 1.33 16.63 -10.62
C LEU B 63 1.54 15.84 -9.33
N LYS B 64 0.50 15.17 -8.88
CA LYS B 64 0.59 14.35 -7.68
C LYS B 64 -0.35 13.19 -7.86
N PRO B 65 -0.09 12.08 -7.15
CA PRO B 65 -0.98 10.92 -7.29
C PRO B 65 -2.38 11.19 -6.74
N CYS B 66 -3.36 10.67 -7.46
CA CYS B 66 -4.76 10.83 -7.09
C CYS B 66 -5.37 9.52 -6.65
N VAL B 67 -6.40 9.62 -5.82
CA VAL B 67 -7.16 8.44 -5.44
C VAL B 67 -8.57 8.78 -5.90
N ARG B 68 -9.17 7.85 -6.64
CA ARG B 68 -10.49 8.04 -7.19
C ARG B 68 -11.58 7.64 -6.20
N PHE B 69 -12.24 8.66 -5.63
CA PHE B 69 -13.30 8.41 -4.66
C PHE B 69 -14.67 8.52 -5.29
N CYS B 70 -15.67 7.96 -4.62
CA CYS B 70 -17.04 8.01 -5.12
C CYS B 70 -17.67 9.30 -4.63
N CYS B 71 -17.21 9.74 -3.45
CA CYS B 71 -17.76 10.91 -2.78
C CYS B 71 -16.70 11.73 -2.06
N PRO B 72 -17.08 12.90 -1.51
CA PRO B 72 -16.08 13.69 -0.81
C PRO B 72 -15.49 12.82 0.29
N HIS B 73 -14.35 13.23 0.82
CA HIS B 73 -13.64 12.45 1.84
C HIS B 73 -14.36 12.03 3.13
N ASP B 74 -15.26 12.84 3.65
CA ASP B 74 -15.92 12.45 4.89
C ASP B 74 -17.31 11.86 4.69
N HIS B 75 -17.59 11.44 3.45
CA HIS B 75 -18.90 10.88 3.13
C HIS B 75 -18.93 9.38 3.19
N ILE B 76 -20.15 8.87 3.32
CA ILE B 76 -20.41 7.46 3.33
C ILE B 76 -21.36 7.35 2.14
N MET B 77 -21.61 6.15 1.67
CA MET B 77 -22.52 6.03 0.55
C MET B 77 -23.78 5.31 0.99
N ASP B 78 -24.93 5.92 0.74
CA ASP B 78 -26.18 5.30 1.12
C ASP B 78 -27.08 5.05 -0.08
N ASN B 79 -27.29 3.78 -0.35
CA ASN B 79 -28.13 3.34 -1.45
C ASN B 79 -27.78 4.06 -2.76
N GLY B 80 -26.51 4.02 -3.14
CA GLY B 80 -26.10 4.63 -4.39
C GLY B 80 -25.94 6.13 -4.41
N VAL B 81 -26.15 6.77 -3.25
CA VAL B 81 -26.04 8.22 -3.16
C VAL B 81 -24.99 8.64 -2.13
N CYS B 82 -24.17 9.63 -2.47
CA CYS B 82 -23.20 10.13 -1.51
C CYS B 82 -23.99 10.74 -0.35
N TYR B 83 -23.51 10.52 0.87
CA TYR B 83 -24.20 10.98 2.06
C TYR B 83 -23.19 11.55 3.07
N ASP B 84 -23.31 12.83 3.36
CA ASP B 84 -22.42 13.49 4.31
C ASP B 84 -23.03 13.32 5.70
N ASN B 85 -22.84 12.14 6.28
CA ASN B 85 -23.44 11.85 7.58
C ASN B 85 -22.66 11.04 8.63
N MET B 86 -21.32 11.08 8.60
CA MET B 86 -20.51 10.35 9.58
C MET B 86 -20.38 11.14 10.89
N SER B 87 -20.65 10.48 12.01
CA SER B 87 -20.55 11.10 13.32
C SER B 87 -19.09 11.36 13.62
N ASP B 88 -18.82 12.26 14.56
CA ASP B 88 -17.43 12.55 14.94
C ASP B 88 -16.72 11.28 15.40
N GLU B 89 -17.49 10.34 15.98
CA GLU B 89 -16.93 9.08 16.46
C GLU B 89 -16.43 8.27 15.27
N GLU B 90 -17.30 8.09 14.28
CA GLU B 90 -16.92 7.33 13.09
C GLU B 90 -15.72 7.97 12.39
N LEU B 91 -15.70 9.29 12.38
CA LEU B 91 -14.60 9.99 11.74
C LEU B 91 -13.30 9.70 12.44
N ALA B 92 -13.37 9.41 13.73
CA ALA B 92 -12.18 9.13 14.53
C ALA B 92 -11.74 7.68 14.46
N GLU B 93 -12.71 6.77 14.46
CA GLU B 93 -12.42 5.34 14.43
C GLU B 93 -12.18 4.74 13.05
N LEU B 94 -12.55 5.45 12.00
CA LEU B 94 -12.40 4.92 10.65
C LEU B 94 -10.93 4.76 10.23
N ASP B 95 -10.68 3.74 9.40
CA ASP B 95 -9.34 3.46 8.88
C ASP B 95 -9.13 4.36 7.65
N PRO B 96 -8.26 5.38 7.77
CA PRO B 96 -7.96 6.31 6.69
C PRO B 96 -6.87 5.86 5.72
N PHE B 97 -6.36 4.65 5.90
CA PHE B 97 -5.27 4.20 5.06
C PHE B 97 -5.63 3.29 3.90
N LEU B 98 -4.95 3.55 2.78
CA LEU B 98 -5.10 2.78 1.57
C LEU B 98 -3.77 2.11 1.24
N ASN B 99 -3.86 0.88 0.75
CA ASN B 99 -2.68 0.15 0.37
C ASN B 99 -2.52 0.41 -1.11
N VAL B 100 -1.52 1.19 -1.48
CA VAL B 100 -1.30 1.46 -2.90
C VAL B 100 -0.05 0.76 -3.39
N THR B 101 -0.17 0.10 -4.52
CA THR B 101 0.96 -0.60 -5.10
C THR B 101 1.72 0.38 -6.00
N LEU B 102 3.01 0.52 -5.76
CA LEU B 102 3.83 1.45 -6.54
C LEU B 102 4.38 0.83 -7.81
N ASP B 103 4.99 1.67 -8.64
CA ASP B 103 5.54 1.20 -9.90
C ASP B 103 6.65 0.17 -9.74
N ASP B 104 7.36 0.17 -8.61
CA ASP B 104 8.41 -0.83 -8.45
C ASP B 104 7.83 -2.14 -7.95
N GLY B 105 6.49 -2.20 -7.87
CA GLY B 105 5.83 -3.42 -7.44
C GLY B 105 5.61 -3.58 -5.95
N SER B 106 6.17 -2.67 -5.16
CA SER B 106 6.02 -2.71 -3.71
C SER B 106 4.69 -2.09 -3.28
N VAL B 107 4.37 -2.29 -2.00
CA VAL B 107 3.15 -1.79 -1.40
C VAL B 107 3.45 -0.70 -0.36
N SER B 108 2.67 0.38 -0.39
CA SER B 108 2.86 1.50 0.50
C SER B 108 1.54 1.98 1.11
N ARG B 109 1.58 2.35 2.38
CA ARG B 109 0.37 2.84 3.04
C ARG B 109 0.31 4.34 2.88
N ARG B 110 -0.78 4.81 2.25
CA ARG B 110 -0.96 6.23 2.04
C ARG B 110 -2.27 6.68 2.70
N HIS B 111 -2.18 7.73 3.49
CA HIS B 111 -3.36 8.27 4.16
C HIS B 111 -4.21 8.82 3.00
N PHE B 112 -5.44 8.35 2.88
CA PHE B 112 -6.34 8.74 1.78
C PHE B 112 -6.44 10.24 1.52
N LYS B 113 -6.47 11.03 2.59
CA LYS B 113 -6.62 12.47 2.48
C LYS B 113 -5.33 13.28 2.48
N ASN B 114 -4.41 12.93 3.37
CA ASN B 114 -3.17 13.68 3.51
C ASN B 114 -2.05 13.36 2.52
N GLU B 115 -1.98 12.11 2.07
CA GLU B 115 -0.91 11.70 1.16
C GLU B 115 -1.34 11.58 -0.29
N LEU B 116 -2.65 11.72 -0.53
CA LEU B 116 -3.18 11.61 -1.87
C LEU B 116 -4.19 12.72 -2.11
N ILE B 117 -4.42 13.04 -3.38
CA ILE B 117 -5.41 14.06 -3.70
C ILE B 117 -6.70 13.30 -3.96
N VAL B 118 -7.72 13.56 -3.16
CA VAL B 118 -9.00 12.89 -3.31
C VAL B 118 -9.81 13.51 -4.45
N GLN B 119 -10.19 12.68 -5.42
CA GLN B 119 -11.01 13.17 -6.52
C GLN B 119 -12.42 12.72 -6.17
N TRP B 120 -13.30 13.69 -5.96
CA TRP B 120 -14.67 13.36 -5.57
C TRP B 120 -15.74 13.95 -6.45
N ASP B 121 -15.40 14.80 -7.41
CA ASP B 121 -16.46 15.38 -8.22
C ASP B 121 -16.69 14.66 -9.54
N LEU B 122 -16.03 13.51 -9.72
CA LEU B 122 -16.20 12.77 -10.96
C LEU B 122 -17.56 12.06 -10.98
N PRO B 123 -18.12 11.82 -12.17
CA PRO B 123 -19.41 11.14 -12.22
C PRO B 123 -19.36 9.72 -11.62
N MET B 124 -20.45 9.32 -10.98
CA MET B 124 -20.53 7.99 -10.38
C MET B 124 -20.37 6.99 -11.54
N PRO B 125 -19.55 5.94 -11.36
CA PRO B 125 -19.39 4.98 -12.47
C PRO B 125 -20.68 4.33 -13.02
N CYS B 126 -21.68 4.13 -12.17
CA CYS B 126 -22.98 3.57 -12.59
C CYS B 126 -23.89 3.51 -11.37
N ASP B 127 -25.17 3.20 -11.59
CA ASP B 127 -26.11 3.06 -10.50
C ASP B 127 -25.93 1.65 -9.95
N GLY B 128 -26.33 1.45 -8.72
CA GLY B 128 -26.23 0.13 -8.13
C GLY B 128 -24.89 -0.59 -8.25
N MET B 129 -23.83 0.03 -7.73
CA MET B 129 -22.51 -0.58 -7.75
C MET B 129 -22.44 -1.61 -6.64
N PHE B 130 -21.51 -2.56 -6.75
CA PHE B 130 -21.33 -3.51 -5.66
C PHE B 130 -19.95 -3.19 -5.10
N TYR B 131 -19.69 -3.55 -3.85
CA TYR B 131 -18.39 -3.25 -3.25
C TYR B 131 -17.60 -4.52 -2.97
N LEU B 132 -16.27 -4.37 -2.90
CA LEU B 132 -15.39 -5.48 -2.63
C LEU B 132 -14.91 -5.44 -1.17
N ASP B 133 -14.96 -6.59 -0.52
CA ASP B 133 -14.50 -6.72 0.86
C ASP B 133 -13.29 -7.63 0.67
N ASN B 134 -12.10 -7.04 0.61
CA ASN B 134 -10.90 -7.83 0.38
C ASN B 134 -10.52 -8.82 1.48
N ARG B 135 -11.38 -8.95 2.50
CA ARG B 135 -11.13 -9.91 3.57
C ARG B 135 -11.57 -11.28 3.01
N GLU B 136 -12.44 -11.25 2.00
CA GLU B 136 -12.93 -12.48 1.36
C GLU B 136 -11.99 -12.80 0.19
N GLU B 137 -11.64 -14.07 0.04
CA GLU B 137 -10.72 -14.48 -1.00
C GLU B 137 -11.05 -14.11 -2.44
N GLN B 138 -12.35 -13.97 -2.76
CA GLN B 138 -12.76 -13.65 -4.12
C GLN B 138 -12.77 -12.15 -4.40
N ASP B 139 -12.70 -11.36 -3.33
CA ASP B 139 -12.74 -9.90 -3.44
C ASP B 139 -11.41 -9.18 -3.49
N LYS B 140 -10.31 -9.91 -3.59
CA LYS B 140 -8.99 -9.29 -3.59
C LYS B 140 -8.79 -8.38 -4.79
N TYR B 141 -8.04 -7.30 -4.56
CA TYR B 141 -7.76 -6.33 -5.62
C TYR B 141 -6.43 -5.63 -5.36
N THR B 142 -5.92 -4.99 -6.40
CA THR B 142 -4.69 -4.22 -6.31
C THR B 142 -5.01 -2.82 -6.82
N LEU B 143 -4.58 -1.80 -6.07
CA LEU B 143 -4.81 -0.41 -6.44
C LEU B 143 -3.46 0.22 -6.68
N PHE B 144 -3.15 0.54 -7.94
CA PHE B 144 -1.87 1.15 -8.24
C PHE B 144 -1.91 2.65 -8.02
N GLU B 145 -0.76 3.20 -7.63
CA GLU B 145 -0.63 4.61 -7.36
C GLU B 145 -1.04 5.45 -8.56
N ASN B 146 -0.82 4.94 -9.77
CA ASN B 146 -1.17 5.68 -10.98
C ASN B 146 -2.66 5.68 -11.33
N GLY B 147 -3.49 5.13 -10.46
CA GLY B 147 -4.92 5.14 -10.74
C GLY B 147 -5.52 3.85 -11.27
N THR B 148 -4.68 2.96 -11.82
CA THR B 148 -5.17 1.69 -12.36
C THR B 148 -5.64 0.77 -11.22
N PHE B 149 -6.79 0.14 -11.43
CA PHE B 149 -7.40 -0.79 -10.47
C PHE B 149 -7.42 -2.20 -11.08
N PHE B 150 -6.99 -3.22 -10.33
CA PHE B 150 -6.95 -4.58 -10.85
C PHE B 150 -7.77 -5.53 -9.97
N ARG B 151 -8.80 -6.15 -10.55
CA ARG B 151 -9.67 -7.06 -9.78
C ARG B 151 -9.14 -8.47 -9.99
N HIS B 152 -8.70 -9.08 -8.90
CA HIS B 152 -8.10 -10.41 -9.02
C HIS B 152 -9.01 -11.55 -9.47
N PHE B 153 -10.21 -11.65 -8.92
CA PHE B 153 -11.13 -12.73 -9.28
C PHE B 153 -11.13 -13.08 -10.77
N ASP B 154 -11.41 -12.08 -11.61
CA ASP B 154 -11.46 -12.28 -13.05
C ASP B 154 -10.30 -11.56 -13.74
N ARG B 155 -9.32 -11.14 -12.96
CA ARG B 155 -8.16 -10.44 -13.48
C ARG B 155 -8.50 -9.34 -14.52
N VAL B 156 -9.46 -8.49 -14.20
CA VAL B 156 -9.79 -7.42 -15.13
C VAL B 156 -9.24 -6.11 -14.57
N THR B 157 -8.82 -5.23 -15.47
CA THR B 157 -8.27 -3.93 -15.12
C THR B 157 -9.34 -2.88 -15.33
N LEU B 158 -9.56 -2.04 -14.33
CA LEU B 158 -10.57 -1.00 -14.43
C LEU B 158 -9.92 0.36 -14.37
N ARG B 159 -10.38 1.26 -15.20
CA ARG B 159 -9.84 2.63 -15.20
C ARG B 159 -10.73 3.51 -14.32
N LYS B 160 -10.31 4.74 -14.08
CA LYS B 160 -11.05 5.61 -13.19
C LYS B 160 -12.53 5.88 -13.49
N ARG B 161 -13.03 5.58 -14.68
CA ARG B 161 -14.45 5.84 -14.88
C ARG B 161 -15.25 4.60 -14.57
N GLU B 162 -14.54 3.53 -14.22
CA GLU B 162 -15.23 2.29 -13.90
C GLU B 162 -15.18 1.86 -12.44
N TYR B 163 -14.55 2.65 -11.58
CA TYR B 163 -14.51 2.26 -10.18
C TYR B 163 -14.36 3.51 -9.33
N CYS B 164 -14.61 3.37 -8.05
CA CYS B 164 -14.44 4.47 -7.13
C CYS B 164 -14.38 3.89 -5.73
N LEU B 165 -13.57 4.50 -4.87
CA LEU B 165 -13.39 4.06 -3.50
C LEU B 165 -14.18 4.95 -2.55
N GLN B 166 -14.63 4.39 -1.43
CA GLN B 166 -15.36 5.17 -0.46
C GLN B 166 -15.42 4.50 0.89
N HIS B 167 -15.41 5.31 1.94
CA HIS B 167 -15.51 4.78 3.29
C HIS B 167 -16.79 3.96 3.29
N LEU B 168 -16.79 2.87 4.04
CA LEU B 168 -17.95 2.02 4.10
C LEU B 168 -17.98 1.28 5.41
N THR B 169 -19.18 1.05 5.93
CA THR B 169 -19.32 0.34 7.20
C THR B 169 -19.39 -1.16 7.00
N PHE B 170 -18.43 -1.86 7.59
CA PHE B 170 -18.37 -3.32 7.53
C PHE B 170 -18.84 -3.87 8.87
N ALA B 171 -19.45 -5.04 8.84
CA ALA B 171 -19.94 -5.65 10.08
C ALA B 171 -20.08 -7.16 9.92
N ASP B 172 -19.49 -7.90 10.85
CA ASP B 172 -19.56 -9.36 10.85
C ASP B 172 -20.38 -9.88 12.03
N GLY B 173 -19.83 -9.74 13.23
CA GLY B 173 -20.52 -10.22 14.41
C GLY B 173 -20.73 -9.16 15.50
N ASN B 174 -21.84 -8.44 15.42
CA ASN B 174 -22.18 -7.40 16.39
C ASN B 174 -21.09 -6.33 16.56
N ALA B 175 -20.08 -6.38 15.71
CA ALA B 175 -18.97 -5.42 15.74
C ALA B 175 -18.91 -4.70 14.40
N THR B 176 -18.86 -3.37 14.43
CA THR B 176 -18.83 -2.60 13.19
C THR B 176 -17.58 -1.71 13.07
N SER B 177 -17.05 -1.60 11.85
CA SER B 177 -15.86 -0.78 11.61
C SER B 177 -15.96 -0.16 10.22
N ILE B 178 -15.28 0.96 10.03
CA ILE B 178 -15.29 1.64 8.75
C ILE B 178 -13.92 1.59 8.09
N ARG B 179 -13.92 1.18 6.83
CA ARG B 179 -12.71 1.04 6.04
C ARG B 179 -13.04 1.47 4.61
N ILE B 180 -12.02 1.85 3.84
CA ILE B 180 -12.23 2.27 2.46
C ILE B 180 -12.33 1.05 1.57
N ALA B 181 -13.42 0.96 0.79
CA ALA B 181 -13.62 -0.17 -0.10
C ALA B 181 -13.90 0.24 -1.54
N PRO B 182 -13.43 -0.55 -2.51
CA PRO B 182 -13.69 -0.17 -3.90
C PRO B 182 -15.09 -0.61 -4.31
N HIS B 183 -15.68 0.15 -5.22
CA HIS B 183 -17.00 -0.12 -5.75
C HIS B 183 -16.83 -0.31 -7.25
N ASN B 184 -17.46 -1.35 -7.79
CA ASN B 184 -17.38 -1.66 -9.21
C ASN B 184 -18.80 -1.78 -9.78
N CYS B 185 -18.89 -1.80 -11.11
CA CYS B 185 -20.16 -1.95 -11.81
C CYS B 185 -20.19 -3.35 -12.37
N LEU B 186 -21.33 -4.03 -12.28
CA LEU B 186 -21.45 -5.38 -12.81
C LEU B 186 -21.12 -5.38 -14.29
N ILE B 187 -21.65 -4.40 -15.01
CA ILE B 187 -21.39 -4.30 -16.43
C ILE B 187 -20.49 -3.10 -16.77
N VAL B 188 -19.29 -3.41 -17.23
CA VAL B 188 -18.29 -2.42 -17.59
C VAL B 188 -18.71 -1.65 -18.84
C1 NAG C . 24.89 -10.89 12.18
C2 NAG C . 26.01 -9.90 12.54
C3 NAG C . 27.17 -10.08 11.54
C4 NAG C . 27.63 -11.52 11.48
C5 NAG C . 26.43 -12.44 11.21
C6 NAG C . 26.79 -13.91 11.26
C7 NAG C . 25.49 -7.83 13.62
C8 NAG C . 24.98 -6.41 13.54
N2 NAG C . 25.53 -8.54 12.51
O3 NAG C . 28.25 -9.25 11.92
O4 NAG C . 28.60 -11.65 10.43
O5 NAG C . 25.38 -12.22 12.18
O6 NAG C . 26.73 -14.39 12.60
O7 NAG C . 25.86 -8.28 14.72
C1 NAG C . 29.64 -12.53 10.64
C2 NAG C . 30.26 -12.91 9.29
C3 NAG C . 31.52 -13.74 9.49
C4 NAG C . 32.50 -13.01 10.42
C5 NAG C . 31.78 -12.67 11.74
C6 NAG C . 32.67 -11.89 12.70
C7 NAG C . 28.71 -13.10 7.46
C8 NAG C . 27.74 -13.96 6.67
N2 NAG C . 29.31 -13.66 8.50
O3 NAG C . 32.15 -13.96 8.22
O4 NAG C . 33.63 -13.83 10.70
O5 NAG C . 30.61 -11.86 11.47
O6 NAG C . 34.01 -12.37 12.66
O7 NAG C . 28.90 -11.92 7.14
C1 NAG D . 5.49 0.98 31.75
C2 NAG D . 6.92 0.60 32.16
C3 NAG D . 7.17 -0.90 31.96
C4 NAG D . 6.09 -1.70 32.68
C5 NAG D . 4.73 -1.27 32.15
C6 NAG D . 3.58 -2.03 32.80
C7 NAG D . 9.06 1.66 31.85
C8 NAG D . 9.98 2.47 30.95
N2 NAG D . 7.87 1.37 31.37
O3 NAG D . 8.45 -1.26 32.46
O4 NAG D . 6.27 -3.10 32.48
O5 NAG D . 4.53 0.14 32.41
O6 NAG D . 2.33 -1.36 32.61
O7 NAG D . 9.45 1.31 32.96
C1 NAG E . 13.92 -25.19 5.83
C2 NAG E . 13.39 -24.93 4.40
C3 NAG E . 12.62 -26.16 3.82
C4 NAG E . 13.40 -27.46 4.07
C5 NAG E . 13.73 -27.56 5.55
C6 NAG E . 14.43 -28.86 5.94
C7 NAG E . 12.52 -22.88 3.48
C8 NAG E . 11.52 -21.75 3.59
N2 NAG E . 12.47 -23.80 4.44
O3 NAG E . 12.41 -25.98 2.43
O4 NAG E . 12.60 -28.58 3.66
O5 NAG E . 14.60 -26.46 5.92
O6 NAG E . 15.66 -29.02 5.26
O7 NAG E . 13.33 -22.92 2.54
S SO4 F . -3.84 -16.06 -9.24
O1 SO4 F . -3.64 -15.65 -7.84
O2 SO4 F . -4.67 -15.06 -9.95
O3 SO4 F . -2.52 -16.14 -9.92
O4 SO4 F . -4.52 -17.38 -9.27
PB PB G . 17.41 -19.99 -9.26
PB PB H . -3.05 -17.97 -6.22
C1 NAG I . 4.24 31.71 -10.55
C2 NAG I . 5.45 31.00 -11.17
C3 NAG I . 5.95 29.88 -10.24
C4 NAG I . 6.26 30.47 -8.85
C5 NAG I . 4.97 31.11 -8.32
C6 NAG I . 5.10 31.68 -6.92
C7 NAG I . 6.00 30.06 -13.33
C8 NAG I . 5.50 29.52 -14.67
N2 NAG I . 5.07 30.47 -12.46
O3 NAG I . 7.11 29.27 -10.78
O4 NAG I . 6.71 29.45 -7.96
O5 NAG I . 4.54 32.18 -9.21
O6 NAG I . 5.76 32.93 -6.92
O7 NAG I . 7.21 30.08 -13.09
C1 NAG J . -4.33 -3.07 3.65
C2 NAG J . -5.81 -3.31 3.98
C3 NAG J . -5.92 -4.01 5.36
C4 NAG J . -5.09 -5.31 5.34
C5 NAG J . -3.64 -4.99 4.93
C6 NAG J . -2.76 -6.23 4.82
C7 NAG J . -7.62 -1.90 3.27
C8 NAG J . -8.33 -0.55 3.36
N2 NAG J . -6.54 -2.05 4.01
O3 NAG J . -7.30 -4.29 5.64
O4 NAG J . -5.11 -5.93 6.63
O5 NAG J . -3.62 -4.32 3.64
O6 NAG J . -3.10 -7.01 3.67
O7 NAG J . -8.07 -2.78 2.53
C1 NAG K . -0.28 1.94 -14.12
C2 NAG K . -0.14 1.99 -15.66
C3 NAG K . -0.45 0.62 -16.24
C4 NAG K . 0.46 -0.43 -15.64
C5 NAG K . 0.32 -0.39 -14.10
C6 NAG K . 1.27 -1.34 -13.40
C7 NAG K . -0.53 4.11 -16.73
C8 NAG K . -1.52 5.12 -17.30
N2 NAG K . -1.03 2.99 -16.20
O3 NAG K . -0.28 0.66 -17.65
O4 NAG K . 0.13 -1.71 -16.14
O5 NAG K . 0.60 0.93 -13.59
O6 NAG K . 2.28 -0.64 -12.70
O7 NAG K . 0.68 4.35 -16.77
S SO4 L . -23.10 28.85 -18.28
O1 SO4 L . -22.70 29.42 -16.98
O2 SO4 L . -23.42 29.96 -19.20
O3 SO4 L . -22.00 28.05 -18.87
O4 SO4 L . -24.30 27.98 -18.11
PB PB M . -18.22 -9.64 -2.24
PB PB N . -23.46 6.84 10.48
#